data_6YL5
#
_entry.id   6YL5
#
_cell.length_a   86.750
_cell.length_b   147.610
_cell.length_c   74.660
_cell.angle_alpha   90.000
_cell.angle_beta   92.070
_cell.angle_gamma   90.000
#
_symmetry.space_group_name_H-M   'C 1 2 1'
#
loop_
_entity.id
_entity.type
_entity.pdbx_description
1 polymer 'Chains: A,B,C,D,E,F,G,H,I,J,K,L'
2 non-polymer S-ADENOSYL-L-HOMOCYSTEINE
3 non-polymer 'MAGNESIUM ION'
4 non-polymer 'SODIUM ION'
5 non-polymer 'SULFATE ION'
6 water water
#
_entity_poly.entity_id   1
_entity_poly.type   'polyribonucleotide'
_entity_poly.pdbx_seq_one_letter_code
;GGU(CBV)ACAACGGCUUCCUGGCGUGACCAUUGGAGCA
;
_entity_poly.pdbx_strand_id   A,B,C,D,E,F,G,H,I,J,K,L
#